data_4QLX
#
_entry.id   4QLX
#
_cell.length_a   64.933
_cell.length_b   68.850
_cell.length_c   197.497
_cell.angle_alpha   90.00
_cell.angle_beta   90.00
_cell.angle_gamma   90.00
#
_symmetry.space_group_name_H-M   'C 2 2 21'
#
loop_
_entity.id
_entity.type
_entity.pdbx_description
1 polymer 'Nitroreductase family protein'
2 non-polymer 'FLAVIN MONONUCLEOTIDE'
3 non-polymer '10-oxooctadecanoic acid'
4 non-polymer 'CHLORIDE ION'
5 water water
#
_entity_poly.entity_id   1
_entity_poly.type   'polypeptide(L)'
_entity_poly.pdbx_seq_one_letter_code
;GPMSEAVKNLVNNDLADVMFNRHSVRQFDPNVKIGRDELQKMIAEAATAPSACNLQSWHFVVVDTPEAKAKFKQAVMKFN
YPQVDSASAIVFIAGDTQSHYVYRDVWNKVYEDGNITKERLDQILGTFLPLYENATPDFLKFDATIDCSVVGMQLLLVAR
AHGYDANAFSGIDFEKMIPTLGLDPKRYVPVMGIAIGKAAQEPLHTTRYDAKTQTDFLA
;
_entity_poly.pdbx_strand_id   A,B
#
# COMPACT_ATOMS: atom_id res chain seq x y z
N MET A 3 -16.06 21.54 -9.92
CA MET A 3 -16.27 21.32 -8.48
C MET A 3 -14.96 21.51 -7.69
N SER A 4 -15.02 21.65 -6.37
CA SER A 4 -13.89 22.21 -5.62
C SER A 4 -12.66 21.30 -5.45
N GLU A 5 -12.86 20.07 -4.98
CA GLU A 5 -11.73 19.23 -4.59
C GLU A 5 -10.85 18.86 -5.82
N ALA A 6 -11.28 19.24 -7.02
CA ALA A 6 -10.34 19.49 -8.11
C ALA A 6 -10.42 20.99 -8.48
N VAL A 7 -9.39 21.78 -8.20
CA VAL A 7 -8.00 21.34 -8.24
C VAL A 7 -7.26 21.03 -6.92
N LYS A 8 -7.66 19.95 -6.26
CA LYS A 8 -6.69 19.10 -5.60
C LYS A 8 -6.49 17.96 -6.60
N ASN A 9 -7.27 18.07 -7.67
CA ASN A 9 -7.31 17.11 -8.79
C ASN A 9 -7.87 15.75 -8.37
N LEU A 10 -8.58 15.71 -7.24
CA LEU A 10 -9.27 14.50 -6.78
C LEU A 10 -10.77 14.75 -6.72
N VAL A 11 -11.54 14.16 -7.64
CA VAL A 11 -12.98 14.40 -7.66
C VAL A 11 -13.74 13.64 -6.56
N ASN A 12 -13.15 12.57 -6.03
CA ASN A 12 -13.64 12.00 -4.79
C ASN A 12 -12.53 12.14 -3.76
N ASN A 13 -12.64 13.16 -2.92
CA ASN A 13 -11.60 13.49 -1.96
C ASN A 13 -12.01 13.10 -0.54
N ASP A 14 -13.05 12.26 -0.44
CA ASP A 14 -13.53 11.73 0.83
C ASP A 14 -12.74 10.46 1.19
N LEU A 15 -11.78 10.57 2.11
CA LEU A 15 -10.88 9.46 2.43
C LEU A 15 -11.63 8.20 2.88
N ALA A 16 -12.59 8.37 3.78
CA ALA A 16 -13.34 7.23 4.32
C ALA A 16 -14.08 6.49 3.20
N ASP A 17 -14.73 7.25 2.32
CA ASP A 17 -15.43 6.63 1.20
C ASP A 17 -14.45 5.97 0.24
N VAL A 18 -13.37 6.67 -0.10
CA VAL A 18 -12.39 6.11 -1.03
C VAL A 18 -11.82 4.80 -0.50
N MET A 19 -11.33 4.81 0.74
CA MET A 19 -10.66 3.64 1.30
C MET A 19 -11.57 2.54 1.84
N PHE A 20 -12.65 2.93 2.54
CA PHE A 20 -13.47 1.94 3.25
C PHE A 20 -14.65 1.41 2.41
N ASN A 21 -14.94 2.08 1.30
CA ASN A 21 -15.93 1.57 0.34
C ASN A 21 -15.27 1.11 -0.94
N ARG A 22 -13.97 0.85 -0.86
CA ARG A 22 -13.21 0.30 -1.97
C ARG A 22 -13.54 -1.18 -2.13
N HIS A 23 -13.82 -1.60 -3.36
CA HIS A 23 -13.96 -3.01 -3.65
C HIS A 23 -13.20 -3.34 -4.92
N SER A 24 -12.75 -4.59 -5.02
CA SER A 24 -12.22 -5.08 -6.27
C SER A 24 -13.31 -5.10 -7.33
N VAL A 25 -13.11 -4.31 -8.38
CA VAL A 25 -14.03 -4.33 -9.53
C VAL A 25 -13.32 -5.01 -10.70
N ARG A 26 -13.99 -5.99 -11.33
CA ARG A 26 -13.36 -6.82 -12.33
C ARG A 26 -14.01 -6.67 -13.72
N GLN A 27 -15.21 -6.11 -13.75
CA GLN A 27 -15.87 -5.84 -15.01
C GLN A 27 -16.09 -4.35 -15.14
N PHE A 28 -15.48 -3.75 -16.14
CA PHE A 28 -15.59 -2.31 -16.29
C PHE A 28 -16.48 -1.97 -17.47
N ASP A 29 -16.92 -0.73 -17.53
CA ASP A 29 -17.64 -0.25 -18.71
C ASP A 29 -16.65 -0.09 -19.87
N PRO A 30 -16.81 -0.92 -20.92
CA PRO A 30 -15.90 -0.86 -22.07
C PRO A 30 -16.12 0.39 -22.94
N ASN A 31 -17.16 1.18 -22.66
CA ASN A 31 -17.37 2.41 -23.40
C ASN A 31 -16.61 3.60 -22.84
N VAL A 32 -16.08 3.46 -21.62
CA VAL A 32 -15.33 4.57 -21.04
C VAL A 32 -13.83 4.31 -21.14
N LYS A 33 -13.14 5.31 -21.68
CA LYS A 33 -11.70 5.24 -21.83
C LYS A 33 -11.08 6.35 -20.99
N ILE A 34 -9.92 6.07 -20.41
CA ILE A 34 -9.20 7.08 -19.66
C ILE A 34 -8.04 7.55 -20.52
N GLY A 35 -7.95 8.86 -20.74
CA GLY A 35 -6.85 9.45 -21.49
C GLY A 35 -5.52 9.13 -20.85
N ARG A 36 -4.48 9.01 -21.65
CA ARG A 36 -3.16 8.65 -21.13
C ARG A 36 -2.60 9.77 -20.26
N ASP A 37 -3.07 10.99 -20.49
CA ASP A 37 -2.61 12.09 -19.65
C ASP A 37 -3.17 11.93 -18.24
N GLU A 38 -4.43 11.52 -18.11
CA GLU A 38 -4.96 11.28 -16.77
C GLU A 38 -4.32 10.03 -16.16
N LEU A 39 -4.02 9.03 -16.97
CA LEU A 39 -3.33 7.85 -16.46
C LEU A 39 -1.97 8.23 -15.87
N GLN A 40 -1.25 9.11 -16.58
CA GLN A 40 0.06 9.57 -16.12
C GLN A 40 -0.07 10.35 -14.82
N LYS A 41 -1.14 11.15 -14.74
CA LYS A 41 -1.44 11.90 -13.53
C LYS A 41 -1.70 10.98 -12.33
N MET A 42 -2.48 9.92 -12.53
CA MET A 42 -2.79 8.96 -11.45
C MET A 42 -1.55 8.20 -11.01
N ILE A 43 -0.71 7.81 -11.96
CA ILE A 43 0.54 7.14 -11.64
C ILE A 43 1.48 8.06 -10.84
N ALA A 44 1.60 9.32 -11.25
CA ALA A 44 2.41 10.29 -10.49
C ALA A 44 1.85 10.48 -9.08
N GLU A 45 0.53 10.57 -8.95
CA GLU A 45 -0.10 10.70 -7.64
C GLU A 45 0.17 9.49 -6.73
N ALA A 46 0.09 8.28 -7.27
CA ALA A 46 0.42 7.08 -6.52
C ALA A 46 1.89 7.05 -6.07
N ALA A 47 2.76 7.64 -6.86
CA ALA A 47 4.20 7.53 -6.62
C ALA A 47 4.67 8.54 -5.59
N THR A 48 3.72 9.27 -5.00
CA THR A 48 3.98 9.97 -3.73
C THR A 48 4.21 8.96 -2.59
N ALA A 49 3.91 7.68 -2.85
CA ALA A 49 4.15 6.60 -1.88
C ALA A 49 5.59 6.59 -1.32
N PRO A 50 5.77 6.06 -0.09
CA PRO A 50 7.11 5.87 0.47
C PRO A 50 7.79 4.69 -0.22
N SER A 51 9.11 4.58 -0.04
CA SER A 51 9.88 3.49 -0.63
C SER A 51 11.14 3.37 0.20
N ALA A 52 11.69 2.17 0.30
CA ALA A 52 12.90 1.99 1.12
C ALA A 52 14.02 2.86 0.58
N CYS A 53 14.62 3.65 1.47
CA CYS A 53 15.69 4.62 1.13
C CYS A 53 15.34 5.55 -0.03
N ASN A 54 14.04 5.82 -0.19
CA ASN A 54 13.51 6.64 -1.28
C ASN A 54 14.04 6.24 -2.65
N LEU A 55 14.34 4.95 -2.81
CA LEU A 55 14.82 4.42 -4.09
C LEU A 55 13.70 4.22 -5.12
N GLN A 56 12.45 4.28 -4.65
CA GLN A 56 11.30 4.30 -5.54
C GLN A 56 11.38 3.15 -6.55
N SER A 57 11.54 1.94 -6.03
CA SER A 57 12.02 0.81 -6.82
C SER A 57 10.91 0.15 -7.64
N TRP A 58 10.09 1.00 -8.27
CA TRP A 58 8.95 0.52 -9.04
C TRP A 58 9.07 0.91 -10.51
N HIS A 59 8.42 0.14 -11.37
CA HIS A 59 8.37 0.46 -12.79
C HIS A 59 6.99 0.13 -13.31
N PHE A 60 6.43 1.03 -14.10
CA PHE A 60 5.06 0.91 -14.55
C PHE A 60 4.98 0.59 -16.04
N VAL A 61 4.16 -0.38 -16.43
CA VAL A 61 3.92 -0.62 -17.84
C VAL A 61 2.41 -0.51 -18.12
N VAL A 62 2.04 0.49 -18.91
CA VAL A 62 0.63 0.78 -19.16
C VAL A 62 0.16 0.02 -20.40
N VAL A 63 -0.89 -0.77 -20.19
CA VAL A 63 -1.50 -1.57 -21.24
C VAL A 63 -2.90 -1.02 -21.48
N ASP A 64 -3.14 -0.38 -22.63
CA ASP A 64 -4.45 0.22 -22.85
C ASP A 64 -4.95 0.19 -24.31
N THR A 65 -4.37 -0.67 -25.13
CA THR A 65 -4.81 -0.85 -26.50
C THR A 65 -5.15 -2.31 -26.74
N PRO A 66 -6.03 -2.59 -27.70
CA PRO A 66 -6.36 -4.00 -27.96
C PRO A 66 -5.13 -4.84 -28.29
N GLU A 67 -4.18 -4.27 -29.04
CA GLU A 67 -2.97 -4.99 -29.42
C GLU A 67 -2.05 -5.22 -28.20
N ALA A 68 -1.98 -4.23 -27.32
CA ALA A 68 -1.16 -4.37 -26.12
C ALA A 68 -1.78 -5.41 -25.18
N LYS A 69 -3.11 -5.43 -25.13
CA LYS A 69 -3.83 -6.35 -24.26
C LYS A 69 -3.60 -7.80 -24.70
N ALA A 70 -3.68 -8.03 -26.01
CA ALA A 70 -3.51 -9.37 -26.55
C ALA A 70 -2.11 -9.89 -26.24
N LYS A 71 -1.13 -9.01 -26.34
CA LYS A 71 0.24 -9.36 -26.01
C LYS A 71 0.42 -9.57 -24.50
N PHE A 72 -0.20 -8.69 -23.72
CA PHE A 72 -0.16 -8.77 -22.26
C PHE A 72 -0.78 -10.10 -21.78
N LYS A 73 -1.95 -10.41 -22.29
CA LYS A 73 -2.68 -11.62 -21.86
C LYS A 73 -1.88 -12.91 -22.03
N GLN A 74 -0.84 -12.89 -22.86
CA GLN A 74 0.00 -14.07 -23.01
C GLN A 74 0.63 -14.53 -21.70
N ALA A 75 0.78 -13.59 -20.76
CA ALA A 75 1.44 -13.87 -19.49
C ALA A 75 0.48 -13.64 -18.31
N VAL A 76 -0.81 -13.57 -18.61
CA VAL A 76 -1.86 -13.41 -17.59
C VAL A 76 -2.72 -14.66 -17.56
N MET A 77 -3.05 -15.16 -16.36
CA MET A 77 -3.91 -16.33 -16.25
C MET A 77 -5.30 -16.02 -16.80
N LYS A 78 -5.94 -17.01 -17.42
CA LYS A 78 -7.22 -16.78 -18.10
C LYS A 78 -8.32 -16.35 -17.14
N PHE A 79 -8.21 -16.77 -15.89
CA PHE A 79 -9.13 -16.32 -14.84
C PHE A 79 -9.24 -14.78 -14.82
N ASN A 80 -8.17 -14.09 -15.19
CA ASN A 80 -8.15 -12.63 -15.12
C ASN A 80 -8.39 -11.93 -16.45
N TYR A 81 -8.78 -12.67 -17.47
CA TYR A 81 -9.09 -12.03 -18.74
C TYR A 81 -10.25 -11.00 -18.70
N PRO A 82 -11.29 -11.24 -17.86
CA PRO A 82 -12.35 -10.21 -17.78
C PRO A 82 -11.86 -8.79 -17.43
N GLN A 83 -11.03 -8.71 -16.40
CA GLN A 83 -10.41 -7.44 -16.02
C GLN A 83 -9.59 -6.86 -17.16
N VAL A 84 -8.70 -7.66 -17.75
CA VAL A 84 -7.85 -7.16 -18.82
C VAL A 84 -8.65 -6.71 -20.04
N ASP A 85 -9.56 -7.56 -20.51
CA ASP A 85 -10.41 -7.20 -21.65
C ASP A 85 -11.24 -5.94 -21.42
N SER A 86 -11.90 -5.82 -20.27
CA SER A 86 -12.85 -4.72 -20.08
C SER A 86 -12.22 -3.43 -19.53
N ALA A 87 -11.04 -3.53 -18.92
CA ALA A 87 -10.44 -2.34 -18.30
C ALA A 87 -10.10 -1.26 -19.31
N SER A 88 -10.25 0.00 -18.89
CA SER A 88 -9.77 1.13 -19.70
C SER A 88 -8.27 1.02 -19.87
N ALA A 89 -7.56 0.72 -18.79
CA ALA A 89 -6.13 0.50 -18.85
C ALA A 89 -5.69 -0.42 -17.72
N ILE A 90 -4.64 -1.20 -17.98
CA ILE A 90 -4.01 -1.97 -16.92
C ILE A 90 -2.64 -1.33 -16.69
N VAL A 91 -2.31 -1.11 -15.42
CA VAL A 91 -0.98 -0.62 -15.07
C VAL A 91 -0.24 -1.76 -14.39
N PHE A 92 0.71 -2.36 -15.10
CA PHE A 92 1.47 -3.43 -14.48
C PHE A 92 2.67 -2.88 -13.75
N ILE A 93 2.91 -3.39 -12.55
CA ILE A 93 4.01 -2.91 -11.72
C ILE A 93 5.09 -3.98 -11.60
N ALA A 94 6.31 -3.60 -11.96
CA ALA A 94 7.45 -4.49 -11.83
C ALA A 94 8.45 -3.85 -10.88
N GLY A 95 9.22 -4.68 -10.17
CA GLY A 95 10.19 -4.17 -9.22
C GLY A 95 11.53 -3.97 -9.87
N ASP A 96 12.20 -2.89 -9.50
CA ASP A 96 13.51 -2.53 -10.05
C ASP A 96 14.61 -2.96 -9.09
N THR A 97 15.27 -4.07 -9.40
CA THR A 97 16.29 -4.62 -8.51
C THR A 97 17.66 -4.01 -8.73
N GLN A 98 17.71 -2.92 -9.49
CA GLN A 98 18.95 -2.18 -9.67
C GLN A 98 18.75 -0.73 -9.24
N SER A 99 17.67 -0.48 -8.50
CA SER A 99 17.34 0.89 -8.11
C SER A 99 18.39 1.50 -7.18
N HIS A 100 19.13 0.65 -6.47
CA HIS A 100 20.14 1.11 -5.51
C HIS A 100 21.43 1.53 -6.19
N TYR A 101 21.52 1.37 -7.51
CA TYR A 101 22.71 1.77 -8.25
C TYR A 101 22.96 3.28 -8.09
N VAL A 102 21.89 4.05 -7.88
CA VAL A 102 22.03 5.51 -7.76
C VAL A 102 22.00 6.00 -6.31
N TYR A 103 22.04 5.07 -5.36
CA TYR A 103 21.88 5.39 -3.94
C TYR A 103 22.77 6.55 -3.51
N ARG A 104 24.08 6.42 -3.71
CA ARG A 104 25.04 7.40 -3.22
C ARG A 104 24.82 8.79 -3.82
N ASP A 105 24.51 8.85 -5.12
CA ASP A 105 24.30 10.12 -5.81
C ASP A 105 23.03 10.80 -5.33
N VAL A 106 21.98 10.01 -5.22
CA VAL A 106 20.68 10.46 -4.75
C VAL A 106 20.70 11.09 -3.35
N TRP A 107 21.34 10.43 -2.39
CA TRP A 107 21.37 10.99 -1.04
C TRP A 107 22.41 12.11 -0.95
N ASN A 108 23.40 12.12 -1.85
CA ASN A 108 24.31 13.26 -1.93
C ASN A 108 23.59 14.52 -2.41
N LYS A 109 22.57 14.34 -3.25
CA LYS A 109 21.84 15.48 -3.80
C LYS A 109 21.06 16.16 -2.68
N VAL A 110 20.51 15.37 -1.77
CA VAL A 110 19.78 15.91 -0.63
C VAL A 110 20.73 16.74 0.22
N TYR A 111 21.95 16.24 0.41
CA TYR A 111 22.95 17.00 1.17
C TYR A 111 23.35 18.28 0.42
N GLU A 112 23.66 18.15 -0.87
CA GLU A 112 24.03 19.33 -1.67
C GLU A 112 22.93 20.37 -1.74
N ASP A 113 21.69 19.95 -1.54
CA ASP A 113 20.57 20.87 -1.50
C ASP A 113 20.40 21.48 -0.10
N GLY A 114 21.28 21.10 0.82
CA GLY A 114 21.27 21.66 2.16
C GLY A 114 20.14 21.16 3.04
N ASN A 115 19.56 20.03 2.66
CA ASN A 115 18.40 19.52 3.39
C ASN A 115 18.76 18.54 4.50
N ILE A 116 19.97 17.98 4.45
CA ILE A 116 20.50 17.21 5.55
C ILE A 116 21.94 17.63 5.80
N THR A 117 22.41 17.39 7.03
CA THR A 117 23.80 17.66 7.36
C THR A 117 24.74 16.60 6.81
N LYS A 118 26.02 16.95 6.73
CA LYS A 118 27.06 16.03 6.30
C LYS A 118 27.06 14.81 7.19
N GLU A 119 26.90 15.04 8.49
CA GLU A 119 26.92 13.96 9.45
C GLU A 119 25.75 13.01 9.22
N ARG A 120 24.59 13.58 8.95
CA ARG A 120 23.39 12.80 8.67
C ARG A 120 23.58 11.95 7.41
N LEU A 121 24.06 12.59 6.34
CA LEU A 121 24.40 11.89 5.11
C LEU A 121 25.31 10.70 5.33
N ASP A 122 26.32 10.89 6.18
CA ASP A 122 27.27 9.83 6.46
C ASP A 122 26.60 8.67 7.19
N GLN A 123 25.64 8.97 8.06
CA GLN A 123 24.88 7.92 8.75
C GLN A 123 24.07 7.11 7.72
N ILE A 124 23.41 7.82 6.81
CA ILE A 124 22.54 7.17 5.81
C ILE A 124 23.34 6.29 4.85
N LEU A 125 24.44 6.83 4.32
CA LEU A 125 25.30 6.07 3.41
C LEU A 125 26.00 4.92 4.13
N GLY A 126 26.51 5.20 5.32
CA GLY A 126 27.25 4.19 6.08
C GLY A 126 26.38 3.00 6.47
N THR A 127 25.11 3.26 6.70
CA THR A 127 24.24 2.25 7.30
C THR A 127 23.55 1.34 6.28
N PHE A 128 22.96 1.92 5.24
CA PHE A 128 22.09 1.14 4.37
C PHE A 128 22.69 0.79 3.02
N LEU A 129 23.57 1.63 2.49
CA LEU A 129 24.16 1.33 1.18
C LEU A 129 24.93 -0.01 1.17
N PRO A 130 25.74 -0.29 2.22
CA PRO A 130 26.44 -1.59 2.22
C PRO A 130 25.50 -2.79 2.23
N LEU A 131 24.31 -2.64 2.80
CA LEU A 131 23.32 -3.72 2.78
C LEU A 131 22.75 -3.97 1.38
N TYR A 132 22.59 -2.89 0.63
CA TYR A 132 22.13 -3.02 -0.75
C TYR A 132 23.25 -3.58 -1.61
N GLU A 133 24.48 -3.15 -1.33
CA GLU A 133 25.61 -3.58 -2.14
C GLU A 133 25.99 -5.04 -1.93
N ASN A 134 25.78 -5.56 -0.73
CA ASN A 134 26.06 -6.97 -0.45
C ASN A 134 24.83 -7.85 -0.42
N ALA A 135 23.72 -7.36 -0.99
CA ALA A 135 22.45 -8.07 -0.87
C ALA A 135 22.33 -9.21 -1.87
N THR A 136 21.69 -10.30 -1.45
CA THR A 136 21.38 -11.42 -2.35
C THR A 136 20.29 -10.98 -3.30
N PRO A 137 20.15 -11.70 -4.44
CA PRO A 137 19.05 -11.43 -5.35
C PRO A 137 17.67 -11.50 -4.68
N ASP A 138 17.44 -12.55 -3.89
CA ASP A 138 16.18 -12.72 -3.17
C ASP A 138 15.81 -11.47 -2.38
N PHE A 139 16.78 -10.91 -1.67
CA PHE A 139 16.51 -9.76 -0.82
C PHE A 139 16.25 -8.47 -1.61
N LEU A 140 16.92 -8.29 -2.74
CA LEU A 140 16.62 -7.15 -3.59
C LEU A 140 15.23 -7.29 -4.18
N LYS A 141 14.81 -8.51 -4.48
CA LYS A 141 13.49 -8.75 -5.04
C LYS A 141 12.42 -8.47 -3.98
N PHE A 142 12.70 -8.91 -2.76
CA PHE A 142 11.85 -8.66 -1.60
C PHE A 142 11.68 -7.15 -1.35
N ASP A 143 12.80 -6.44 -1.34
CA ASP A 143 12.82 -4.99 -1.18
C ASP A 143 12.00 -4.31 -2.29
N ALA A 144 12.24 -4.70 -3.53
CA ALA A 144 11.54 -4.06 -4.62
C ALA A 144 10.05 -4.42 -4.57
N THR A 145 9.74 -5.64 -4.14
CA THR A 145 8.33 -6.07 -4.06
C THR A 145 7.53 -5.23 -3.06
N ILE A 146 8.14 -4.91 -1.93
CA ILE A 146 7.48 -4.05 -0.96
C ILE A 146 7.16 -2.65 -1.54
N ASP A 147 8.15 -2.00 -2.16
CA ASP A 147 7.92 -0.69 -2.81
C ASP A 147 6.76 -0.77 -3.83
N CYS A 148 6.74 -1.83 -4.63
CA CYS A 148 5.74 -1.97 -5.68
C CYS A 148 4.35 -2.17 -5.11
N SER A 149 4.29 -2.79 -3.94
CA SER A 149 3.02 -3.07 -3.29
C SER A 149 2.45 -1.79 -2.66
N VAL A 150 3.30 -0.95 -2.07
CA VAL A 150 2.74 0.25 -1.45
C VAL A 150 2.33 1.26 -2.51
N VAL A 151 3.05 1.32 -3.63
CA VAL A 151 2.62 2.25 -4.68
C VAL A 151 1.36 1.68 -5.37
N GLY A 152 1.26 0.35 -5.45
CA GLY A 152 0.06 -0.28 -6.01
C GLY A 152 -1.17 0.00 -5.18
N MET A 153 -1.02 -0.11 -3.87
CA MET A 153 -2.09 0.22 -2.94
C MET A 153 -2.50 1.68 -3.10
N GLN A 154 -1.55 2.59 -3.27
CA GLN A 154 -1.95 3.99 -3.44
C GLN A 154 -2.67 4.17 -4.78
N LEU A 155 -2.26 3.42 -5.80
CA LEU A 155 -2.85 3.58 -7.12
C LEU A 155 -4.33 3.11 -7.10
N LEU A 156 -4.62 2.09 -6.30
CA LEU A 156 -6.00 1.63 -6.14
C LEU A 156 -6.87 2.72 -5.55
N LEU A 157 -6.30 3.49 -4.62
CA LEU A 157 -7.05 4.57 -3.97
C LEU A 157 -7.16 5.76 -4.93
N VAL A 158 -6.05 6.08 -5.59
CA VAL A 158 -6.02 7.17 -6.56
C VAL A 158 -7.10 6.93 -7.62
N ALA A 159 -7.18 5.70 -8.08
CA ALA A 159 -8.19 5.33 -9.09
C ALA A 159 -9.58 5.78 -8.65
N ARG A 160 -9.94 5.46 -7.40
CA ARG A 160 -11.24 5.81 -6.84
C ARG A 160 -11.37 7.31 -6.61
N ALA A 161 -10.30 7.95 -6.16
CA ALA A 161 -10.29 9.39 -5.99
C ALA A 161 -10.55 10.13 -7.30
N HIS A 162 -10.24 9.47 -8.42
CA HIS A 162 -10.54 10.02 -9.74
C HIS A 162 -11.93 9.63 -10.26
N GLY A 163 -12.70 8.92 -9.44
CA GLY A 163 -14.04 8.53 -9.84
C GLY A 163 -14.11 7.19 -10.56
N TYR A 164 -12.98 6.47 -10.59
CA TYR A 164 -12.93 5.15 -11.21
C TYR A 164 -12.99 4.05 -10.18
N ASP A 165 -12.64 2.84 -10.61
CA ASP A 165 -12.48 1.70 -9.72
C ASP A 165 -11.41 0.82 -10.29
N ALA A 166 -11.09 -0.26 -9.58
CA ALA A 166 -9.87 -0.99 -9.89
C ALA A 166 -9.78 -2.36 -9.23
N ASN A 167 -8.96 -3.22 -9.83
CA ASN A 167 -8.64 -4.50 -9.26
C ASN A 167 -7.15 -4.72 -9.32
N ALA A 168 -6.57 -5.12 -8.18
CA ALA A 168 -5.17 -5.53 -8.15
C ALA A 168 -5.15 -7.03 -8.40
N PHE A 169 -4.15 -7.50 -9.15
CA PHE A 169 -4.09 -8.94 -9.44
C PHE A 169 -2.67 -9.43 -9.71
N SER A 170 -2.33 -10.60 -9.17
CA SER A 170 -1.04 -11.21 -9.42
C SER A 170 -1.20 -12.61 -9.99
N GLY A 171 -2.40 -12.92 -10.48
CA GLY A 171 -2.65 -14.19 -11.14
C GLY A 171 -2.04 -14.16 -12.52
N ILE A 172 -0.72 -14.34 -12.58
CA ILE A 172 0.02 -14.19 -13.83
C ILE A 172 1.03 -15.31 -14.03
N ASP A 173 1.60 -15.36 -15.23
CA ASP A 173 2.70 -16.25 -15.52
C ASP A 173 4.00 -15.57 -15.12
N PHE A 174 4.52 -15.91 -13.95
CA PHE A 174 5.65 -15.18 -13.39
C PHE A 174 6.95 -15.40 -14.15
N GLU A 175 7.04 -16.49 -14.89
CA GLU A 175 8.26 -16.77 -15.66
C GLU A 175 8.21 -16.08 -17.03
N LYS A 176 7.04 -15.57 -17.42
CA LYS A 176 6.85 -15.02 -18.76
C LYS A 176 6.57 -13.52 -18.81
N MET A 177 6.12 -12.96 -17.69
CA MET A 177 5.61 -11.59 -17.71
C MET A 177 6.66 -10.56 -18.11
N ILE A 178 7.85 -10.65 -17.53
CA ILE A 178 8.87 -9.62 -17.81
C ILE A 178 9.26 -9.62 -19.29
N PRO A 179 9.53 -10.80 -19.88
CA PRO A 179 9.87 -10.73 -21.30
C PRO A 179 8.68 -10.30 -22.17
N THR A 180 7.48 -10.75 -21.80
CA THR A 180 6.25 -10.33 -22.47
C THR A 180 6.11 -8.80 -22.49
N LEU A 181 6.57 -8.13 -21.43
CA LEU A 181 6.48 -6.68 -21.36
C LEU A 181 7.68 -6.00 -22.05
N GLY A 182 8.65 -6.82 -22.48
CA GLY A 182 9.84 -6.30 -23.15
C GLY A 182 10.79 -5.64 -22.18
N LEU A 183 10.70 -6.02 -20.90
CA LEU A 183 11.54 -5.45 -19.86
C LEU A 183 12.78 -6.30 -19.64
N ASP A 184 13.85 -5.68 -19.15
CA ASP A 184 15.12 -6.33 -18.84
C ASP A 184 14.95 -7.38 -17.76
N PRO A 185 15.08 -8.65 -18.12
CA PRO A 185 14.93 -9.76 -17.17
C PRO A 185 16.02 -9.78 -16.09
N LYS A 186 17.19 -9.25 -16.41
CA LYS A 186 18.25 -9.10 -15.44
C LYS A 186 17.84 -8.14 -14.32
N ARG A 187 16.95 -7.21 -14.66
CA ARG A 187 16.67 -6.05 -13.82
C ARG A 187 15.32 -6.08 -13.09
N TYR A 188 14.27 -6.42 -13.83
CA TYR A 188 12.91 -6.26 -13.32
C TYR A 188 12.26 -7.56 -12.88
N VAL A 189 11.50 -7.49 -11.79
CA VAL A 189 10.71 -8.63 -11.31
C VAL A 189 9.21 -8.30 -11.31
N PRO A 190 8.37 -9.25 -11.76
CA PRO A 190 6.94 -8.94 -11.80
C PRO A 190 6.32 -8.95 -10.41
N VAL A 191 5.37 -8.04 -10.17
CA VAL A 191 4.70 -7.99 -8.88
C VAL A 191 3.19 -8.10 -9.01
N MET A 192 2.55 -7.10 -9.62
CA MET A 192 1.10 -7.12 -9.75
C MET A 192 0.60 -6.21 -10.87
N GLY A 193 -0.57 -6.55 -11.42
CA GLY A 193 -1.26 -5.66 -12.34
C GLY A 193 -2.33 -4.88 -11.60
N ILE A 194 -2.58 -3.66 -12.06
CA ILE A 194 -3.70 -2.87 -11.56
C ILE A 194 -4.63 -2.59 -12.74
N ALA A 195 -5.78 -3.25 -12.78
CA ALA A 195 -6.77 -2.95 -13.82
C ALA A 195 -7.61 -1.76 -13.37
N ILE A 196 -7.82 -0.79 -14.25
CA ILE A 196 -8.55 0.43 -13.91
C ILE A 196 -9.66 0.73 -14.93
N GLY A 197 -10.81 1.20 -14.46
CA GLY A 197 -11.85 1.70 -15.35
C GLY A 197 -13.07 2.15 -14.57
N LYS A 198 -14.17 2.46 -15.27
CA LYS A 198 -15.46 2.73 -14.65
C LYS A 198 -16.17 1.43 -14.38
N ALA A 199 -16.74 1.30 -13.19
CA ALA A 199 -17.45 0.08 -12.81
C ALA A 199 -18.62 -0.15 -13.76
N ALA A 200 -18.81 -1.41 -14.14
CA ALA A 200 -19.95 -1.82 -14.94
C ALA A 200 -21.26 -1.44 -14.25
N GLN A 201 -22.08 -0.66 -14.93
CA GLN A 201 -23.29 -0.08 -14.32
C GLN A 201 -24.57 -0.86 -14.63
N GLU A 202 -25.63 -0.56 -13.88
CA GLU A 202 -26.97 -1.11 -14.14
C GLU A 202 -27.49 -0.70 -15.52
N PRO A 203 -28.12 -1.64 -16.25
CA PRO A 203 -28.72 -1.28 -17.54
C PRO A 203 -29.70 -0.11 -17.45
N LEU A 204 -29.62 0.79 -18.43
CA LEU A 204 -30.56 1.90 -18.53
C LEU A 204 -32.01 1.43 -18.58
N HIS A 205 -32.86 2.09 -17.78
CA HIS A 205 -34.30 1.83 -17.84
C HIS A 205 -34.94 2.88 -18.73
N THR A 206 -35.36 2.47 -19.92
CA THR A 206 -35.88 3.42 -20.89
C THR A 206 -37.35 3.72 -20.63
N THR A 207 -37.79 4.86 -21.15
CA THR A 207 -39.17 5.28 -20.98
C THR A 207 -40.00 4.84 -22.17
N ARG A 208 -41.31 5.01 -22.06
CA ARG A 208 -42.22 4.85 -23.20
C ARG A 208 -43.10 6.08 -23.31
N TYR A 209 -43.43 6.48 -24.53
CA TYR A 209 -44.49 7.44 -24.73
C TYR A 209 -45.76 6.84 -24.14
N ASP A 210 -46.73 7.68 -23.80
CA ASP A 210 -47.99 7.13 -23.36
C ASP A 210 -48.70 6.57 -24.59
N ALA A 211 -49.17 5.34 -24.50
CA ALA A 211 -49.62 4.63 -25.69
C ALA A 211 -50.90 5.24 -26.28
N LYS A 212 -51.62 6.01 -25.47
CA LYS A 212 -52.82 6.71 -25.96
C LYS A 212 -52.45 7.69 -27.07
N THR A 213 -51.24 8.23 -27.00
CA THR A 213 -50.71 9.13 -28.00
C THR A 213 -50.56 8.47 -29.37
N GLN A 214 -50.23 7.19 -29.35
CA GLN A 214 -49.96 6.48 -30.59
C GLN A 214 -51.13 5.62 -31.03
N THR A 215 -52.30 5.89 -30.47
CA THR A 215 -53.49 5.08 -30.77
C THR A 215 -54.68 5.91 -31.28
N ASP A 216 -55.33 5.43 -32.33
CA ASP A 216 -56.60 5.98 -32.80
C ASP A 216 -57.67 4.91 -32.71
N PHE A 217 -58.91 5.30 -32.44
CA PHE A 217 -60.06 4.42 -32.60
C PHE A 217 -60.80 4.82 -33.85
N LEU A 218 -60.95 3.90 -34.81
CA LEU A 218 -61.57 4.21 -36.09
C LEU A 218 -63.07 4.44 -35.93
N ALA A 219 -63.62 5.40 -36.66
CA ALA A 219 -65.05 5.72 -36.57
C ALA A 219 -65.87 4.77 -37.43
N LEU B 10 -13.00 10.49 12.09
CA LEU B 10 -11.75 10.81 11.40
C LEU B 10 -11.42 12.27 11.54
N VAL B 11 -10.27 12.56 12.14
CA VAL B 11 -9.81 13.93 12.30
C VAL B 11 -9.52 14.60 10.96
N ASN B 12 -8.90 13.85 10.07
CA ASN B 12 -8.53 14.37 8.76
C ASN B 12 -9.06 13.45 7.67
N ASN B 13 -10.16 13.87 7.05
CA ASN B 13 -10.82 13.06 6.03
C ASN B 13 -10.54 13.63 4.63
N ASP B 14 -9.57 14.53 4.54
CA ASP B 14 -9.14 15.10 3.27
C ASP B 14 -8.11 14.16 2.64
N LEU B 15 -8.52 13.40 1.61
CA LEU B 15 -7.65 12.38 1.03
C LEU B 15 -6.36 12.95 0.41
N ALA B 16 -6.52 14.02 -0.37
CA ALA B 16 -5.39 14.70 -0.99
C ALA B 16 -4.38 15.13 0.07
N ASP B 17 -4.88 15.74 1.14
CA ASP B 17 -4.01 16.18 2.23
C ASP B 17 -3.35 15.00 2.91
N VAL B 18 -4.15 14.00 3.26
CA VAL B 18 -3.63 12.81 3.94
C VAL B 18 -2.56 12.12 3.10
N MET B 19 -2.85 11.87 1.83
CA MET B 19 -1.94 11.13 0.98
C MET B 19 -0.79 11.95 0.44
N PHE B 20 -1.06 13.16 -0.04
CA PHE B 20 -0.03 13.93 -0.75
C PHE B 20 0.79 14.81 0.17
N ASN B 21 0.35 14.97 1.41
CA ASN B 21 1.15 15.71 2.39
C ASN B 21 1.69 14.78 3.47
N ARG B 22 1.64 13.48 3.18
CA ARG B 22 2.26 12.45 4.02
C ARG B 22 3.79 12.53 3.92
N HIS B 23 4.46 12.64 5.07
CA HIS B 23 5.91 12.53 5.18
C HIS B 23 6.27 11.49 6.24
N SER B 24 7.39 10.79 6.05
CA SER B 24 7.89 9.91 7.09
C SER B 24 8.26 10.78 8.28
N VAL B 25 7.64 10.53 9.43
CA VAL B 25 8.03 11.24 10.64
C VAL B 25 8.76 10.27 11.56
N ARG B 26 9.91 10.68 12.06
CA ARG B 26 10.79 9.78 12.82
C ARG B 26 10.96 10.22 14.27
N GLN B 27 10.72 11.49 14.53
CA GLN B 27 10.83 11.99 15.89
C GLN B 27 9.47 12.43 16.37
N PHE B 28 8.91 11.62 17.25
CA PHE B 28 7.59 11.87 17.78
C PHE B 28 7.68 12.52 19.15
N ASP B 29 6.56 13.05 19.61
CA ASP B 29 6.44 13.60 20.96
C ASP B 29 6.21 12.44 21.93
N PRO B 30 7.21 12.16 22.79
CA PRO B 30 7.11 11.00 23.68
C PRO B 30 6.10 11.16 24.81
N ASN B 31 5.52 12.35 24.99
CA ASN B 31 4.50 12.52 26.01
C ASN B 31 3.13 12.10 25.50
N VAL B 32 2.99 12.00 24.19
CA VAL B 32 1.70 11.69 23.60
C VAL B 32 1.50 10.20 23.43
N LYS B 33 0.46 9.67 24.04
CA LYS B 33 0.18 8.25 23.90
C LYS B 33 -1.13 8.01 23.16
N ILE B 34 -1.20 6.87 22.50
CA ILE B 34 -2.40 6.46 21.78
C ILE B 34 -2.99 5.25 22.48
N GLY B 35 -4.26 5.34 22.87
CA GLY B 35 -4.92 4.21 23.51
C GLY B 35 -4.92 2.97 22.63
N ARG B 36 -4.86 1.81 23.25
CA ARG B 36 -4.82 0.55 22.52
C ARG B 36 -6.14 0.31 21.81
N ASP B 37 -7.21 0.93 22.34
CA ASP B 37 -8.51 0.90 21.68
C ASP B 37 -8.47 1.58 20.31
N GLU B 38 -7.86 2.75 20.27
CA GLU B 38 -7.69 3.47 19.00
C GLU B 38 -6.69 2.80 18.09
N LEU B 39 -5.60 2.26 18.65
CA LEU B 39 -4.68 1.44 17.87
C LEU B 39 -5.44 0.31 17.17
N GLN B 40 -6.34 -0.34 17.89
CA GLN B 40 -7.14 -1.43 17.33
C GLN B 40 -8.03 -0.95 16.19
N LYS B 41 -8.64 0.22 16.37
CA LYS B 41 -9.51 0.81 15.36
C LYS B 41 -8.72 1.18 14.11
N MET B 42 -7.51 1.73 14.29
CA MET B 42 -6.66 2.04 13.15
C MET B 42 -6.23 0.78 12.41
N ILE B 43 -5.85 -0.27 13.15
CA ILE B 43 -5.48 -1.53 12.49
C ILE B 43 -6.68 -2.10 11.72
N ALA B 44 -7.85 -2.07 12.33
CA ALA B 44 -9.06 -2.57 11.66
C ALA B 44 -9.34 -1.80 10.37
N GLU B 45 -9.22 -0.48 10.43
CA GLU B 45 -9.40 0.38 9.26
C GLU B 45 -8.38 0.07 8.18
N ALA B 46 -7.13 -0.17 8.59
CA ALA B 46 -6.10 -0.52 7.63
C ALA B 46 -6.41 -1.87 6.95
N ALA B 47 -6.93 -2.84 7.71
CA ALA B 47 -7.16 -4.18 7.18
C ALA B 47 -8.37 -4.26 6.26
N THR B 48 -8.98 -3.12 5.96
CA THR B 48 -9.89 -3.02 4.82
C THR B 48 -9.16 -3.22 3.48
N ALA B 49 -7.83 -3.24 3.54
CA ALA B 49 -6.96 -3.44 2.36
C ALA B 49 -7.29 -4.73 1.61
N PRO B 50 -7.01 -4.76 0.30
CA PRO B 50 -7.08 -6.02 -0.47
C PRO B 50 -5.95 -6.96 -0.08
N SER B 51 -6.11 -8.25 -0.40
CA SER B 51 -5.08 -9.24 -0.17
C SER B 51 -5.37 -10.35 -1.16
N ALA B 52 -4.34 -11.08 -1.60
CA ALA B 52 -4.53 -12.12 -2.61
C ALA B 52 -5.46 -13.20 -2.08
N CYS B 53 -6.46 -13.55 -2.89
CA CYS B 53 -7.50 -14.52 -2.53
C CYS B 53 -8.20 -14.19 -1.20
N ASN B 54 -8.15 -12.92 -0.81
CA ASN B 54 -8.70 -12.43 0.46
C ASN B 54 -8.22 -13.22 1.68
N LEU B 55 -7.00 -13.75 1.59
CA LEU B 55 -6.45 -14.55 2.68
C LEU B 55 -5.92 -13.67 3.83
N GLN B 56 -5.83 -12.36 3.59
CA GLN B 56 -5.50 -11.39 4.65
C GLN B 56 -4.29 -11.86 5.45
N SER B 57 -3.21 -12.18 4.73
CA SER B 57 -2.06 -12.89 5.26
C SER B 57 -1.15 -12.02 6.09
N TRP B 58 -1.70 -11.06 6.81
CA TRP B 58 -0.90 -10.17 7.63
C TRP B 58 -1.10 -10.50 9.10
N HIS B 59 -0.13 -10.11 9.91
CA HIS B 59 -0.20 -10.30 11.35
C HIS B 59 0.45 -9.08 11.99
N PHE B 60 -0.19 -8.54 13.02
CA PHE B 60 0.25 -7.31 13.66
C PHE B 60 0.77 -7.57 15.07
N VAL B 61 1.97 -7.06 15.37
CA VAL B 61 2.46 -7.08 16.74
C VAL B 61 2.65 -5.64 17.23
N VAL B 62 1.83 -5.25 18.19
CA VAL B 62 1.83 -3.88 18.66
C VAL B 62 2.82 -3.73 19.81
N VAL B 63 3.74 -2.78 19.65
CA VAL B 63 4.81 -2.54 20.60
C VAL B 63 4.58 -1.15 21.20
N ASP B 64 4.13 -1.06 22.46
CA ASP B 64 3.86 0.27 23.02
C ASP B 64 4.18 0.46 24.51
N THR B 65 5.09 -0.35 25.05
CA THR B 65 5.55 -0.16 26.43
C THR B 65 7.07 -0.09 26.41
N PRO B 66 7.68 0.53 27.44
CA PRO B 66 9.14 0.52 27.50
C PRO B 66 9.72 -0.90 27.51
N GLU B 67 9.06 -1.81 28.23
CA GLU B 67 9.49 -3.21 28.28
C GLU B 67 9.43 -3.88 26.91
N ALA B 68 8.33 -3.65 26.20
CA ALA B 68 8.16 -4.21 24.86
C ALA B 68 9.16 -3.59 23.88
N LYS B 69 9.38 -2.28 24.01
CA LYS B 69 10.30 -1.59 23.12
C LYS B 69 11.73 -2.11 23.30
N ALA B 70 12.11 -2.40 24.55
CA ALA B 70 13.44 -2.90 24.85
C ALA B 70 13.66 -4.27 24.21
N LYS B 71 12.65 -5.13 24.33
CA LYS B 71 12.68 -6.43 23.68
C LYS B 71 12.75 -6.26 22.16
N PHE B 72 11.87 -5.41 21.64
CA PHE B 72 11.70 -5.21 20.20
C PHE B 72 12.99 -4.73 19.55
N LYS B 73 13.66 -3.77 20.20
CA LYS B 73 14.87 -3.17 19.64
C LYS B 73 16.05 -4.14 19.47
N GLN B 74 16.04 -5.24 20.20
CA GLN B 74 17.09 -6.25 20.02
C GLN B 74 17.14 -6.76 18.56
N ALA B 75 16.04 -6.59 17.82
CA ALA B 75 16.02 -6.96 16.40
C ALA B 75 15.83 -5.75 15.46
N VAL B 76 16.04 -4.55 15.99
CA VAL B 76 15.87 -3.34 15.19
C VAL B 76 17.24 -2.68 15.01
N MET B 77 17.58 -2.27 13.80
CA MET B 77 18.83 -1.53 13.58
C MET B 77 18.82 -0.23 14.39
N LYS B 78 19.99 0.19 14.86
CA LYS B 78 20.06 1.32 15.77
C LYS B 78 19.69 2.64 15.08
N PHE B 79 19.88 2.68 13.77
CA PHE B 79 19.45 3.83 12.98
C PHE B 79 18.00 4.18 13.28
N ASN B 80 17.19 3.16 13.55
CA ASN B 80 15.76 3.33 13.72
C ASN B 80 15.32 3.46 15.17
N TYR B 81 16.29 3.61 16.08
CA TYR B 81 15.95 3.82 17.48
C TYR B 81 15.13 5.11 17.76
N PRO B 82 15.42 6.24 17.06
CA PRO B 82 14.60 7.43 17.34
C PRO B 82 13.10 7.19 17.17
N GLN B 83 12.72 6.48 16.10
CA GLN B 83 11.32 6.10 15.85
C GLN B 83 10.74 5.23 16.96
N VAL B 84 11.38 4.09 17.18
CA VAL B 84 10.96 3.14 18.20
C VAL B 84 10.86 3.76 19.59
N ASP B 85 11.89 4.50 20.01
CA ASP B 85 11.90 5.13 21.33
C ASP B 85 10.85 6.20 21.50
N SER B 86 10.67 7.07 20.50
CA SER B 86 9.76 8.22 20.70
C SER B 86 8.31 7.96 20.30
N ALA B 87 8.06 6.96 19.45
CA ALA B 87 6.72 6.69 18.95
C ALA B 87 5.73 6.35 20.06
N SER B 88 4.46 6.67 19.84
CA SER B 88 3.40 6.25 20.74
C SER B 88 3.24 4.73 20.72
N ALA B 89 3.28 4.16 19.52
CA ALA B 89 3.25 2.72 19.35
C ALA B 89 3.92 2.36 18.04
N ILE B 90 4.47 1.15 17.97
CA ILE B 90 4.95 0.59 16.73
C ILE B 90 4.06 -0.59 16.40
N VAL B 91 3.57 -0.67 15.18
CA VAL B 91 2.86 -1.85 14.73
C VAL B 91 3.77 -2.62 13.78
N PHE B 92 4.31 -3.75 14.22
CA PHE B 92 5.11 -4.53 13.29
C PHE B 92 4.21 -5.48 12.52
N ILE B 93 4.44 -5.56 11.22
CA ILE B 93 3.62 -6.42 10.36
C ILE B 93 4.45 -7.59 9.87
N ALA B 94 3.98 -8.80 10.19
CA ALA B 94 4.62 -10.03 9.75
C ALA B 94 3.66 -10.76 8.81
N GLY B 95 4.21 -11.52 7.86
CA GLY B 95 3.40 -12.22 6.89
C GLY B 95 3.11 -13.62 7.36
N ASP B 96 1.87 -14.06 7.19
CA ASP B 96 1.44 -15.39 7.59
C ASP B 96 1.47 -16.32 6.39
N THR B 97 2.48 -17.19 6.32
CA THR B 97 2.64 -18.06 5.15
C THR B 97 1.82 -19.36 5.26
N GLN B 98 0.94 -19.42 6.25
CA GLN B 98 -0.01 -20.51 6.41
C GLN B 98 -1.44 -20.01 6.22
N SER B 99 -1.57 -18.83 5.64
CA SER B 99 -2.88 -18.20 5.51
C SER B 99 -3.80 -18.97 4.59
N HIS B 100 -3.21 -19.73 3.67
CA HIS B 100 -4.01 -20.45 2.68
C HIS B 100 -4.61 -21.75 3.22
N TYR B 101 -4.32 -22.06 4.48
CA TYR B 101 -4.84 -23.29 5.08
C TYR B 101 -6.37 -23.31 5.17
N VAL B 102 -6.97 -22.13 5.28
CA VAL B 102 -8.43 -22.03 5.36
C VAL B 102 -9.06 -21.60 4.04
N TYR B 103 -8.28 -21.68 2.96
CA TYR B 103 -8.73 -21.29 1.62
C TYR B 103 -10.08 -21.92 1.27
N ARG B 104 -10.13 -23.25 1.29
CA ARG B 104 -11.33 -23.96 0.89
C ARG B 104 -12.52 -23.55 1.74
N ASP B 105 -12.32 -23.47 3.05
CA ASP B 105 -13.41 -23.15 3.96
C ASP B 105 -13.98 -21.73 3.75
N VAL B 106 -13.11 -20.73 3.72
CA VAL B 106 -13.59 -19.34 3.60
C VAL B 106 -14.35 -19.06 2.30
N TRP B 107 -13.89 -19.62 1.18
CA TRP B 107 -14.54 -19.36 -0.09
C TRP B 107 -15.78 -20.23 -0.29
N ASN B 108 -15.81 -21.37 0.40
CA ASN B 108 -17.05 -22.14 0.51
C ASN B 108 -18.13 -21.30 1.20
N LYS B 109 -17.73 -20.58 2.24
CA LYS B 109 -18.66 -19.75 3.00
C LYS B 109 -19.29 -18.64 2.16
N VAL B 110 -18.50 -18.01 1.29
CA VAL B 110 -19.05 -17.00 0.39
C VAL B 110 -20.12 -17.62 -0.51
N TYR B 111 -19.94 -18.89 -0.84
CA TYR B 111 -20.90 -19.65 -1.64
C TYR B 111 -22.19 -19.93 -0.87
N GLU B 112 -22.04 -20.39 0.37
CA GLU B 112 -23.18 -20.77 1.20
C GLU B 112 -24.04 -19.55 1.57
N ASP B 113 -23.42 -18.38 1.62
CA ASP B 113 -24.15 -17.15 1.95
C ASP B 113 -24.74 -16.49 0.71
N GLY B 114 -24.67 -17.20 -0.41
CA GLY B 114 -25.39 -16.82 -1.62
C GLY B 114 -24.75 -15.78 -2.52
N ASN B 115 -23.46 -15.55 -2.35
CA ASN B 115 -22.83 -14.43 -3.06
C ASN B 115 -21.94 -14.85 -4.24
N ILE B 116 -21.65 -16.13 -4.38
CA ILE B 116 -21.09 -16.65 -5.62
C ILE B 116 -21.81 -17.93 -6.05
N THR B 117 -21.84 -18.18 -7.35
CA THR B 117 -22.41 -19.40 -7.87
C THR B 117 -21.47 -20.57 -7.60
N LYS B 118 -22.02 -21.78 -7.65
CA LYS B 118 -21.23 -23.00 -7.50
C LYS B 118 -20.17 -23.08 -8.59
N GLU B 119 -20.54 -22.66 -9.80
CA GLU B 119 -19.60 -22.61 -10.92
C GLU B 119 -18.47 -21.64 -10.62
N ARG B 120 -18.80 -20.50 -10.01
CA ARG B 120 -17.80 -19.49 -9.65
C ARG B 120 -16.89 -20.00 -8.54
N LEU B 121 -17.46 -20.64 -7.53
CA LEU B 121 -16.67 -21.24 -6.45
C LEU B 121 -15.68 -22.26 -6.99
N ASP B 122 -16.16 -23.13 -7.87
CA ASP B 122 -15.33 -24.17 -8.49
C ASP B 122 -14.18 -23.57 -9.29
N GLN B 123 -14.45 -22.48 -10.01
CA GLN B 123 -13.41 -21.79 -10.75
C GLN B 123 -12.33 -21.28 -9.79
N ILE B 124 -12.78 -20.62 -8.73
CA ILE B 124 -11.89 -20.05 -7.73
C ILE B 124 -11.01 -21.14 -7.09
N LEU B 125 -11.65 -22.22 -6.66
CA LEU B 125 -10.93 -23.31 -6.01
C LEU B 125 -9.97 -24.03 -6.95
N GLY B 126 -10.39 -24.28 -8.18
CA GLY B 126 -9.60 -25.05 -9.11
C GLY B 126 -8.42 -24.29 -9.69
N THR B 127 -8.47 -22.97 -9.57
CA THR B 127 -7.48 -22.12 -10.21
C THR B 127 -6.34 -21.70 -9.25
N PHE B 128 -6.68 -21.28 -8.03
CA PHE B 128 -5.66 -20.70 -7.16
C PHE B 128 -5.29 -21.59 -5.95
N LEU B 129 -6.24 -22.39 -5.48
CA LEU B 129 -5.94 -23.25 -4.35
C LEU B 129 -4.77 -24.20 -4.63
N PRO B 130 -4.74 -24.84 -5.82
CA PRO B 130 -3.54 -25.65 -6.10
C PRO B 130 -2.22 -24.87 -6.08
N LEU B 131 -2.25 -23.61 -6.49
CA LEU B 131 -1.03 -22.81 -6.53
C LEU B 131 -0.47 -22.58 -5.13
N TYR B 132 -1.34 -22.33 -4.14
CA TYR B 132 -0.87 -22.14 -2.77
C TYR B 132 -0.37 -23.47 -2.18
N GLU B 133 -1.17 -24.52 -2.32
CA GLU B 133 -0.84 -25.84 -1.77
C GLU B 133 0.44 -26.43 -2.35
N ASN B 134 0.77 -26.05 -3.57
CA ASN B 134 1.99 -26.53 -4.21
C ASN B 134 3.08 -25.44 -4.32
N ALA B 135 2.90 -24.35 -3.58
CA ALA B 135 3.84 -23.22 -3.66
C ALA B 135 5.15 -23.50 -2.94
N THR B 136 6.25 -22.98 -3.49
CA THR B 136 7.53 -23.02 -2.79
C THR B 136 7.40 -22.16 -1.55
N PRO B 137 8.28 -22.38 -0.54
CA PRO B 137 8.29 -21.45 0.59
C PRO B 137 8.42 -20.02 0.11
N ASP B 138 9.32 -19.81 -0.84
CA ASP B 138 9.61 -18.47 -1.35
C ASP B 138 8.38 -17.80 -1.97
N PHE B 139 7.55 -18.57 -2.66
CA PHE B 139 6.35 -17.98 -3.24
C PHE B 139 5.33 -17.60 -2.17
N LEU B 140 5.21 -18.41 -1.12
CA LEU B 140 4.32 -18.04 -0.02
C LEU B 140 4.85 -16.79 0.71
N LYS B 141 6.17 -16.70 0.83
CA LYS B 141 6.79 -15.54 1.46
C LYS B 141 6.52 -14.25 0.66
N PHE B 142 6.73 -14.33 -0.65
CA PHE B 142 6.44 -13.24 -1.57
C PHE B 142 4.96 -12.82 -1.47
N ASP B 143 4.05 -13.81 -1.52
CA ASP B 143 2.61 -13.55 -1.43
C ASP B 143 2.22 -12.79 -0.16
N ALA B 144 2.71 -13.25 0.99
CA ALA B 144 2.38 -12.62 2.27
C ALA B 144 3.04 -11.24 2.42
N THR B 145 4.22 -11.07 1.84
CA THR B 145 4.90 -9.77 1.85
C THR B 145 4.04 -8.72 1.13
N ILE B 146 3.47 -9.10 -0.02
CA ILE B 146 2.62 -8.18 -0.76
C ILE B 146 1.41 -7.73 0.05
N ASP B 147 0.66 -8.69 0.60
CA ASP B 147 -0.45 -8.37 1.51
C ASP B 147 -0.01 -7.45 2.65
N CYS B 148 1.11 -7.80 3.28
CA CYS B 148 1.61 -7.03 4.41
C CYS B 148 1.97 -5.59 4.03
N SER B 149 2.45 -5.42 2.81
CA SER B 149 2.83 -4.10 2.35
C SER B 149 1.62 -3.24 2.03
N VAL B 150 0.54 -3.83 1.50
CA VAL B 150 -0.57 -2.98 1.15
C VAL B 150 -1.31 -2.56 2.43
N VAL B 151 -1.41 -3.45 3.42
CA VAL B 151 -2.08 -3.05 4.65
C VAL B 151 -1.16 -2.05 5.37
N GLY B 152 0.15 -2.20 5.21
CA GLY B 152 1.10 -1.26 5.78
C GLY B 152 0.92 0.14 5.20
N MET B 153 0.73 0.21 3.89
CA MET B 153 0.48 1.50 3.23
C MET B 153 -0.82 2.13 3.74
N GLN B 154 -1.86 1.32 3.87
CA GLN B 154 -3.11 1.85 4.37
C GLN B 154 -2.98 2.33 5.82
N LEU B 155 -2.17 1.65 6.63
CA LEU B 155 -2.01 2.04 8.04
C LEU B 155 -1.31 3.41 8.17
N LEU B 156 -0.32 3.64 7.31
CA LEU B 156 0.32 4.97 7.22
C LEU B 156 -0.69 6.09 6.95
N LEU B 157 -1.62 5.82 6.03
CA LEU B 157 -2.66 6.78 5.70
C LEU B 157 -3.71 6.88 6.83
N VAL B 158 -4.11 5.73 7.37
CA VAL B 158 -5.05 5.73 8.50
C VAL B 158 -4.50 6.53 9.71
N ALA B 159 -3.20 6.44 9.96
CA ALA B 159 -2.60 7.20 11.05
C ALA B 159 -2.81 8.71 10.89
N ARG B 160 -2.60 9.22 9.67
CA ARG B 160 -2.82 10.63 9.40
C ARG B 160 -4.30 11.00 9.41
N ALA B 161 -5.16 10.09 8.98
CA ALA B 161 -6.59 10.37 9.02
C ALA B 161 -7.05 10.59 10.47
N HIS B 162 -6.34 9.93 11.39
CA HIS B 162 -6.59 10.01 12.83
C HIS B 162 -5.86 11.18 13.49
N GLY B 163 -5.17 12.00 12.69
CA GLY B 163 -4.43 13.13 13.23
C GLY B 163 -3.00 12.85 13.67
N TYR B 164 -2.50 11.66 13.36
CA TYR B 164 -1.12 11.34 13.72
C TYR B 164 -0.18 11.36 12.51
N ASP B 165 1.02 10.85 12.72
CA ASP B 165 1.98 10.73 11.64
C ASP B 165 2.68 9.41 11.83
N ALA B 166 3.48 9.01 10.86
CA ALA B 166 4.00 7.66 10.88
C ALA B 166 5.24 7.49 10.01
N ASN B 167 5.95 6.42 10.27
CA ASN B 167 7.11 6.05 9.50
C ASN B 167 7.13 4.54 9.33
N ALA B 168 7.18 4.09 8.08
CA ALA B 168 7.37 2.68 7.77
C ALA B 168 8.87 2.37 7.83
N PHE B 169 9.26 1.24 8.40
CA PHE B 169 10.67 0.91 8.37
C PHE B 169 10.96 -0.57 8.29
N SER B 170 12.01 -0.91 7.54
CA SER B 170 12.39 -2.31 7.41
C SER B 170 13.86 -2.51 7.76
N GLY B 171 14.48 -1.47 8.30
CA GLY B 171 15.83 -1.58 8.82
C GLY B 171 15.82 -2.37 10.11
N ILE B 172 15.79 -3.71 9.96
CA ILE B 172 15.72 -4.63 11.09
C ILE B 172 16.64 -5.82 10.89
N ASP B 173 16.76 -6.65 11.91
CA ASP B 173 17.46 -7.93 11.78
C ASP B 173 16.45 -8.97 11.35
N PHE B 174 16.54 -9.41 10.09
CA PHE B 174 15.50 -10.28 9.53
C PHE B 174 15.58 -11.69 10.09
N GLU B 175 16.75 -12.08 10.59
CA GLU B 175 16.91 -13.37 11.25
C GLU B 175 16.40 -13.38 12.70
N LYS B 176 16.47 -12.24 13.38
CA LYS B 176 16.14 -12.23 14.80
C LYS B 176 14.70 -11.81 15.07
N MET B 177 14.09 -11.07 14.14
CA MET B 177 12.86 -10.35 14.46
C MET B 177 11.67 -11.24 14.85
N ILE B 178 11.40 -12.28 14.07
CA ILE B 178 10.21 -13.10 14.34
C ILE B 178 10.32 -13.80 15.71
N PRO B 179 11.44 -14.50 16.00
CA PRO B 179 11.54 -15.02 17.37
C PRO B 179 11.63 -13.94 18.46
N THR B 180 12.14 -12.77 18.13
CA THR B 180 12.15 -11.68 19.10
C THR B 180 10.71 -11.28 19.44
N LEU B 181 9.80 -11.45 18.47
CA LEU B 181 8.39 -11.14 18.68
C LEU B 181 7.66 -12.30 19.37
N GLY B 182 8.33 -13.44 19.48
CA GLY B 182 7.71 -14.62 20.09
C GLY B 182 6.80 -15.33 19.12
N LEU B 183 7.02 -15.10 17.82
CA LEU B 183 6.20 -15.72 16.80
C LEU B 183 6.90 -16.95 16.22
N ASP B 184 6.13 -17.83 15.58
CA ASP B 184 6.68 -19.03 14.97
C ASP B 184 7.36 -18.71 13.65
N PRO B 185 8.70 -18.83 13.62
CA PRO B 185 9.48 -18.45 12.44
C PRO B 185 9.33 -19.43 11.27
N LYS B 186 8.72 -20.59 11.52
CA LYS B 186 8.40 -21.52 10.45
C LYS B 186 7.10 -21.08 9.77
N ARG B 187 6.39 -20.15 10.40
CA ARG B 187 5.12 -19.67 9.86
C ARG B 187 5.12 -18.21 9.43
N TYR B 188 5.79 -17.35 10.22
CA TYR B 188 5.74 -15.91 10.01
C TYR B 188 7.03 -15.35 9.44
N VAL B 189 6.88 -14.47 8.45
CA VAL B 189 8.02 -13.76 7.87
C VAL B 189 7.90 -12.27 8.22
N PRO B 190 9.03 -11.63 8.54
CA PRO B 190 8.96 -10.22 8.95
C PRO B 190 8.96 -9.30 7.73
N VAL B 191 8.16 -8.23 7.77
CA VAL B 191 8.06 -7.37 6.59
C VAL B 191 8.47 -5.93 6.91
N MET B 192 7.77 -5.29 7.83
CA MET B 192 8.05 -3.89 8.14
C MET B 192 7.43 -3.46 9.45
N GLY B 193 7.96 -2.39 10.04
CA GLY B 193 7.34 -1.75 11.17
C GLY B 193 6.68 -0.45 10.79
N ILE B 194 5.62 -0.11 11.51
CA ILE B 194 4.94 1.16 11.33
C ILE B 194 5.00 1.87 12.66
N ALA B 195 5.88 2.86 12.78
CA ALA B 195 5.93 3.67 13.98
C ALA B 195 4.87 4.77 13.84
N ILE B 196 4.09 4.98 14.88
CA ILE B 196 2.97 5.92 14.86
C ILE B 196 3.04 6.89 16.03
N GLY B 197 2.75 8.17 15.80
CA GLY B 197 2.75 9.13 16.90
C GLY B 197 2.45 10.53 16.41
N LYS B 198 2.44 11.48 17.32
CA LYS B 198 2.36 12.89 16.97
C LYS B 198 3.75 13.44 16.70
N ALA B 199 3.93 14.14 15.59
CA ALA B 199 5.21 14.74 15.25
C ALA B 199 5.65 15.71 16.35
N ALA B 200 6.95 15.76 16.62
CA ALA B 200 7.52 16.72 17.55
C ALA B 200 7.09 18.13 17.16
N GLN B 201 6.77 18.94 18.18
CA GLN B 201 6.29 20.32 18.00
C GLN B 201 7.26 21.32 18.63
N GLU B 202 7.18 22.59 18.20
CA GLU B 202 8.07 23.65 18.67
C GLU B 202 7.93 23.80 20.19
N PRO B 203 9.04 24.19 20.87
CA PRO B 203 8.94 24.38 22.33
C PRO B 203 8.00 25.50 22.70
N LEU B 204 7.31 25.31 23.82
CA LEU B 204 6.45 26.34 24.42
C LEU B 204 7.24 27.61 24.66
N HIS B 205 6.69 28.74 24.24
CA HIS B 205 7.21 30.06 24.55
C HIS B 205 6.49 30.61 25.77
N THR B 206 7.12 30.49 26.93
CA THR B 206 6.47 30.89 28.17
C THR B 206 6.43 32.40 28.34
N THR B 207 5.48 32.88 29.14
CA THR B 207 5.35 34.30 29.41
C THR B 207 6.09 34.62 30.70
N ARG B 208 6.15 35.92 31.01
CA ARG B 208 6.67 36.37 32.30
C ARG B 208 5.69 37.35 32.92
N TYR B 209 5.66 37.36 34.25
CA TYR B 209 4.99 38.42 34.98
C TYR B 209 5.62 39.74 34.55
N ASP B 210 4.88 40.85 34.63
CA ASP B 210 5.55 42.11 34.43
C ASP B 210 6.41 42.35 35.66
N ALA B 211 7.70 42.58 35.44
CA ALA B 211 8.67 42.60 36.52
C ALA B 211 8.42 43.72 37.52
N LYS B 212 7.62 44.72 37.13
CA LYS B 212 7.29 45.79 38.08
C LYS B 212 6.46 45.24 39.24
N THR B 213 5.68 44.20 38.99
CA THR B 213 4.89 43.53 40.01
C THR B 213 5.77 42.95 41.12
N GLN B 214 6.99 42.53 40.76
CA GLN B 214 7.88 41.89 41.71
C GLN B 214 9.04 42.77 42.15
N THR B 215 8.90 44.07 41.98
CA THR B 215 9.96 45.02 42.35
C THR B 215 9.46 46.06 43.34
N ASP B 216 10.26 46.35 44.37
CA ASP B 216 10.03 47.48 45.27
C ASP B 216 11.22 48.43 45.17
N PHE B 217 10.97 49.74 45.30
CA PHE B 217 12.06 50.70 45.49
C PHE B 217 12.07 51.09 46.96
N LEU B 218 13.16 50.77 47.66
CA LEU B 218 13.24 51.01 49.10
C LEU B 218 13.22 52.50 49.39
N ALA B 219 12.50 52.87 50.45
CA ALA B 219 12.38 54.25 50.88
C ALA B 219 13.56 54.68 51.76
#